data_5H7B
#
_entry.id   5H7B
#
_cell.length_a   80.890
_cell.length_b   45.640
_cell.length_c   82.140
_cell.angle_alpha   90.00
_cell.angle_beta   105.72
_cell.angle_gamma   90.00
#
_symmetry.space_group_name_H-M   'P 1 21 1'
#
_entity_poly.entity_id   1
_entity_poly.type   'polypeptide(L)'
_entity_poly.pdbx_seq_one_letter_code
;GSHMKFNKEQQNAFYEILHLPNLNEEQRNAFIQSLKDDPSQSANLLAEAKKLNEQQAAFYEILSLPNLNEEQRNAFIQSL
KDDPSQSANLLAEAKKLNEQQAAFYEILHLPNLNEEQRNAFIQSLKDDPSQSANLLAEAKKLNEQQAAFYEILHLPNLNE
EQRNAFIQSLKDDPSQSANLLAEAKKLNEQQAAFYEILHLPNLNEEQRNAFIQSLKDDPSQSANLLAEAKKLNDAQA
;
_entity_poly.pdbx_strand_id   A,B
#
# COMPACT_ATOMS: atom_id res chain seq x y z
N LYS A 8 22.92 -43.48 16.44
CA LYS A 8 21.55 -43.11 16.80
C LYS A 8 20.97 -42.08 15.83
N GLU A 9 21.82 -41.18 15.33
CA GLU A 9 21.34 -40.10 14.47
C GLU A 9 20.78 -40.62 13.16
N GLN A 10 21.29 -41.73 12.65
CA GLN A 10 20.74 -42.32 11.44
C GLN A 10 19.28 -42.69 11.61
N GLN A 11 18.89 -43.12 12.81
CA GLN A 11 17.51 -43.51 13.04
C GLN A 11 16.59 -42.29 13.10
N ASN A 12 17.01 -41.26 13.84
CA ASN A 12 16.21 -40.05 13.94
C ASN A 12 16.06 -39.38 12.58
N ALA A 13 17.17 -39.12 11.90
CA ALA A 13 17.11 -38.50 10.58
C ALA A 13 16.34 -39.37 9.60
N PHE A 14 16.47 -40.70 9.73
CA PHE A 14 15.76 -41.62 8.86
C PHE A 14 14.24 -41.46 9.02
N TYR A 15 13.77 -41.55 10.27
CA TYR A 15 12.35 -41.39 10.55
C TYR A 15 11.83 -40.03 10.09
N GLU A 16 12.58 -38.97 10.41
CA GLU A 16 12.12 -37.61 10.10
C GLU A 16 12.04 -37.39 8.60
N ILE A 17 12.99 -37.93 7.83
CA ILE A 17 12.91 -37.82 6.37
C ILE A 17 11.77 -38.65 5.82
N LEU A 18 11.51 -39.82 6.42
CA LEU A 18 10.38 -40.65 5.97
C LEU A 18 9.04 -40.07 6.38
N HIS A 19 9.01 -39.05 7.23
CA HIS A 19 7.75 -38.42 7.62
C HIS A 19 7.74 -36.92 7.34
N LEU A 20 8.51 -36.46 6.36
CA LEU A 20 8.42 -35.08 5.92
C LEU A 20 7.18 -34.92 5.03
N PRO A 21 6.22 -34.07 5.39
CA PRO A 21 4.89 -34.15 4.77
C PRO A 21 4.75 -33.48 3.42
N ASN A 22 5.69 -32.64 2.99
CA ASN A 22 5.51 -31.82 1.81
C ASN A 22 6.51 -32.16 0.71
N LEU A 23 6.95 -33.41 0.65
CA LEU A 23 7.80 -33.90 -0.42
C LEU A 23 7.12 -35.06 -1.11
N ASN A 24 7.50 -35.30 -2.37
CA ASN A 24 6.98 -36.45 -3.09
C ASN A 24 7.88 -37.65 -2.88
N GLU A 25 7.45 -38.81 -3.38
CA GLU A 25 8.22 -40.03 -3.18
C GLU A 25 9.54 -39.99 -3.94
N GLU A 26 9.61 -39.26 -5.05
CA GLU A 26 10.85 -39.13 -5.79
C GLU A 26 11.91 -38.41 -4.96
N GLN A 27 11.57 -37.23 -4.44
CA GLN A 27 12.49 -36.48 -3.59
C GLN A 27 12.81 -37.26 -2.31
N ARG A 28 11.77 -37.81 -1.66
CA ARG A 28 11.99 -38.50 -0.40
C ARG A 28 12.92 -39.70 -0.56
N ASN A 29 12.66 -40.54 -1.56
CA ASN A 29 13.49 -41.71 -1.81
C ASN A 29 14.86 -41.35 -2.38
N ALA A 30 14.98 -40.20 -3.04
CA ALA A 30 16.31 -39.73 -3.42
C ALA A 30 17.13 -39.39 -2.19
N PHE A 31 16.55 -38.60 -1.27
CA PHE A 31 17.23 -38.28 -0.03
C PHE A 31 17.58 -39.54 0.75
N ILE A 32 16.67 -40.51 0.77
CA ILE A 32 16.91 -41.75 1.52
C ILE A 32 18.01 -42.56 0.87
N GLN A 33 18.09 -42.56 -0.47
CA GLN A 33 19.22 -43.21 -1.13
C GLN A 33 20.54 -42.50 -0.80
N SER A 34 20.52 -41.17 -0.72
CA SER A 34 21.72 -40.44 -0.27
C SER A 34 22.10 -40.86 1.14
N LEU A 35 21.12 -41.07 2.02
CA LEU A 35 21.43 -41.60 3.34
C LEU A 35 21.95 -43.03 3.27
N LYS A 36 21.58 -43.78 2.23
CA LYS A 36 22.14 -45.12 2.05
C LYS A 36 23.60 -45.05 1.63
N ASP A 37 23.97 -44.02 0.87
CA ASP A 37 25.34 -43.91 0.35
C ASP A 37 26.28 -43.55 1.48
N ASP A 38 26.03 -42.44 2.17
CA ASP A 38 26.97 -41.93 3.18
C ASP A 38 26.21 -41.50 4.42
N PRO A 39 26.05 -42.40 5.39
CA PRO A 39 25.32 -42.01 6.61
C PRO A 39 25.95 -40.85 7.36
N SER A 40 27.25 -40.60 7.18
CA SER A 40 27.91 -39.50 7.88
C SER A 40 27.34 -38.13 7.49
N GLN A 41 26.74 -38.02 6.32
CA GLN A 41 26.09 -36.79 5.89
C GLN A 41 24.70 -36.63 6.51
N SER A 42 24.40 -37.37 7.58
CA SER A 42 23.10 -37.39 8.25
C SER A 42 22.53 -36.03 8.63
N ALA A 43 23.25 -35.29 9.47
CA ALA A 43 22.76 -34.00 9.96
C ALA A 43 22.67 -33.03 8.79
N ASN A 44 23.53 -33.18 7.78
CA ASN A 44 23.41 -32.37 6.58
C ASN A 44 22.12 -32.71 5.83
N LEU A 45 22.02 -33.96 5.36
CA LEU A 45 20.91 -34.38 4.52
C LEU A 45 19.54 -33.98 5.08
N LEU A 46 19.26 -34.39 6.32
CA LEU A 46 18.04 -34.00 7.01
C LEU A 46 17.77 -32.50 6.91
N ALA A 47 18.77 -31.69 7.24
CA ALA A 47 18.64 -30.24 7.12
C ALA A 47 18.23 -29.88 5.70
N GLU A 48 19.12 -30.18 4.75
CA GLU A 48 18.82 -29.92 3.34
C GLU A 48 17.44 -30.47 2.98
N ALA A 49 17.18 -31.72 3.37
CA ALA A 49 15.88 -32.34 3.10
C ALA A 49 14.75 -31.45 3.57
N LYS A 50 14.72 -31.13 4.87
CA LYS A 50 13.59 -30.34 5.34
C LYS A 50 13.59 -28.92 4.81
N LYS A 51 14.73 -28.44 4.28
CA LYS A 51 14.72 -27.10 3.70
C LYS A 51 14.09 -27.09 2.31
N LEU A 52 13.86 -28.24 1.69
CA LEU A 52 12.94 -28.31 0.56
C LEU A 52 11.50 -28.55 1.01
N ASN A 53 11.30 -28.96 2.26
CA ASN A 53 9.96 -29.10 2.81
C ASN A 53 9.32 -27.72 2.93
N GLU A 54 9.86 -26.90 3.81
CA GLU A 54 9.26 -25.60 4.11
C GLU A 54 9.46 -24.62 2.95
N GLN A 55 10.07 -25.10 1.86
CA GLN A 55 10.03 -24.44 0.57
C GLN A 55 8.78 -24.84 -0.21
N GLN A 56 8.63 -26.14 -0.49
CA GLN A 56 7.50 -26.59 -1.30
C GLN A 56 6.18 -26.33 -0.59
N ALA A 57 6.14 -26.56 0.72
CA ALA A 57 4.99 -26.15 1.52
C ALA A 57 4.65 -24.69 1.26
N ALA A 58 5.66 -23.82 1.28
CA ALA A 58 5.44 -22.41 0.96
C ALA A 58 4.83 -22.26 -0.43
N PHE A 59 5.37 -22.98 -1.42
CA PHE A 59 4.82 -22.91 -2.78
C PHE A 59 3.33 -23.21 -2.78
N TYR A 60 2.88 -24.08 -1.87
CA TYR A 60 1.45 -24.39 -1.80
C TYR A 60 0.67 -23.20 -1.29
N GLU A 61 1.15 -22.56 -0.21
CA GLU A 61 0.36 -21.52 0.45
C GLU A 61 0.19 -20.29 -0.44
N ILE A 62 1.29 -19.82 -1.04
CA ILE A 62 1.17 -18.70 -1.97
C ILE A 62 0.35 -19.09 -3.19
N LEU A 63 0.18 -20.39 -3.44
CA LEU A 63 -0.67 -20.83 -4.53
C LEU A 63 -2.14 -20.79 -4.15
N SER A 64 -2.46 -20.61 -2.87
CA SER A 64 -3.83 -20.68 -2.38
C SER A 64 -4.32 -19.42 -1.69
N LEU A 65 -3.72 -18.27 -1.99
CA LEU A 65 -4.18 -17.00 -1.48
C LEU A 65 -5.05 -16.29 -2.49
N PRO A 66 -6.37 -16.17 -2.25
CA PRO A 66 -7.29 -15.80 -3.34
C PRO A 66 -7.34 -14.32 -3.71
N ASN A 67 -6.85 -13.46 -2.83
CA ASN A 67 -6.91 -12.01 -3.06
C ASN A 67 -5.56 -11.52 -3.61
N LEU A 68 -4.82 -12.39 -4.30
CA LEU A 68 -3.68 -12.00 -5.12
C LEU A 68 -3.95 -12.42 -6.56
N ASN A 69 -3.21 -11.80 -7.49
CA ASN A 69 -3.29 -12.15 -8.89
C ASN A 69 -2.19 -13.15 -9.27
N GLU A 70 -2.17 -13.55 -10.54
CA GLU A 70 -1.16 -14.52 -10.98
C GLU A 70 0.24 -13.90 -10.97
N GLU A 71 0.38 -12.67 -11.46
CA GLU A 71 1.68 -12.01 -11.46
C GLU A 71 2.27 -11.97 -10.05
N GLN A 72 1.46 -11.61 -9.06
CA GLN A 72 1.93 -11.55 -7.68
C GLN A 72 2.32 -12.94 -7.19
N ARG A 73 1.44 -13.93 -7.39
CA ARG A 73 1.69 -15.29 -6.93
C ARG A 73 2.96 -15.88 -7.50
N ASN A 74 3.01 -16.08 -8.82
CA ASN A 74 4.21 -16.68 -9.42
C ASN A 74 5.42 -15.76 -9.31
N ALA A 75 5.20 -14.47 -9.05
CA ALA A 75 6.33 -13.60 -8.70
C ALA A 75 6.91 -13.98 -7.34
N PHE A 76 6.05 -14.33 -6.38
CA PHE A 76 6.54 -14.85 -5.11
C PHE A 76 7.20 -16.21 -5.29
N ILE A 77 6.62 -17.06 -6.15
CA ILE A 77 7.21 -18.36 -6.46
C ILE A 77 8.62 -18.17 -6.99
N GLN A 78 8.79 -17.24 -7.94
CA GLN A 78 10.10 -17.01 -8.53
C GLN A 78 11.06 -16.43 -7.51
N SER A 79 10.65 -15.36 -6.82
CA SER A 79 11.50 -14.75 -5.80
C SER A 79 11.83 -15.71 -4.67
N LEU A 80 11.12 -16.83 -4.57
CA LEU A 80 11.46 -17.83 -3.58
C LEU A 80 12.37 -18.92 -4.13
N LYS A 81 12.21 -19.27 -5.41
CA LYS A 81 13.14 -20.20 -6.04
C LYS A 81 14.53 -19.62 -6.21
N ASP A 82 14.67 -18.30 -6.14
CA ASP A 82 15.98 -17.66 -6.18
C ASP A 82 16.59 -17.52 -4.79
N ASP A 83 15.76 -17.42 -3.76
CA ASP A 83 16.22 -17.28 -2.37
C ASP A 83 15.44 -18.27 -1.52
N PRO A 84 15.86 -19.54 -1.48
CA PRO A 84 15.07 -20.55 -0.76
C PRO A 84 15.03 -20.32 0.75
N SER A 85 16.01 -19.62 1.33
CA SER A 85 16.08 -19.49 2.77
C SER A 85 15.17 -18.40 3.33
N GLN A 86 14.59 -17.56 2.47
CA GLN A 86 13.70 -16.49 2.92
C GLN A 86 12.22 -16.89 2.87
N SER A 87 11.93 -18.18 2.69
CA SER A 87 10.56 -18.62 2.50
C SER A 87 9.65 -18.13 3.62
N ALA A 88 10.17 -18.06 4.83
CA ALA A 88 9.43 -17.49 5.96
C ALA A 88 9.01 -16.06 5.64
N ASN A 89 10.00 -15.18 5.52
CA ASN A 89 9.72 -13.76 5.30
C ASN A 89 8.81 -13.56 4.08
N LEU A 90 9.26 -14.02 2.92
CA LEU A 90 8.48 -13.86 1.70
C LEU A 90 7.07 -14.41 1.84
N LEU A 91 6.86 -15.40 2.71
CA LEU A 91 5.51 -15.88 2.94
C LEU A 91 4.71 -14.88 3.76
N ALA A 92 5.24 -14.49 4.93
CA ALA A 92 4.56 -13.52 5.78
C ALA A 92 4.17 -12.28 4.99
N GLU A 93 5.17 -11.67 4.33
CA GLU A 93 4.92 -10.55 3.43
C GLU A 93 3.76 -10.85 2.49
N ALA A 94 3.83 -11.99 1.79
CA ALA A 94 2.73 -12.40 0.93
C ALA A 94 1.42 -12.45 1.69
N LYS A 95 1.42 -13.16 2.83
CA LYS A 95 0.21 -13.27 3.64
C LYS A 95 -0.22 -11.92 4.21
N LYS A 96 0.71 -10.96 4.30
CA LYS A 96 0.29 -9.60 4.61
C LYS A 96 -0.38 -8.95 3.42
N LEU A 97 0.25 -9.04 2.23
CA LEU A 97 -0.30 -8.39 1.05
C LEU A 97 -1.72 -8.83 0.78
N ASN A 98 -2.01 -10.12 0.99
CA ASN A 98 -3.36 -10.65 0.82
C ASN A 98 -4.38 -9.83 1.59
N GLU A 99 -4.07 -9.48 2.84
CA GLU A 99 -4.96 -8.60 3.59
C GLU A 99 -5.13 -7.27 2.88
N GLN A 100 -4.02 -6.58 2.58
CA GLN A 100 -4.09 -5.23 2.03
C GLN A 100 -4.99 -5.16 0.81
N GLN A 101 -4.85 -6.11 -0.11
CA GLN A 101 -5.71 -6.13 -1.28
C GLN A 101 -7.14 -6.52 -0.91
N ALA A 102 -7.30 -7.55 -0.08
CA ALA A 102 -8.64 -8.01 0.30
C ALA A 102 -9.42 -6.85 0.91
N ALA A 103 -8.83 -6.14 1.87
CA ALA A 103 -9.44 -4.93 2.38
C ALA A 103 -9.70 -3.90 1.29
N PHE A 104 -8.67 -3.63 0.46
CA PHE A 104 -8.71 -2.63 -0.61
C PHE A 104 -9.95 -2.62 -1.48
N TYR A 105 -10.25 -3.77 -2.08
CA TYR A 105 -11.41 -3.85 -2.97
C TYR A 105 -12.67 -3.84 -2.11
N GLU A 106 -12.61 -4.44 -0.92
CA GLU A 106 -13.79 -4.41 -0.05
C GLU A 106 -14.12 -2.99 0.34
N ILE A 107 -13.11 -2.13 0.50
CA ILE A 107 -13.36 -0.71 0.71
C ILE A 107 -13.87 -0.06 -0.57
N LEU A 108 -13.32 -0.48 -1.72
CA LEU A 108 -13.64 0.11 -3.02
C LEU A 108 -15.01 -0.29 -3.55
N HIS A 109 -15.72 -1.18 -2.88
CA HIS A 109 -17.02 -1.66 -3.32
C HIS A 109 -18.15 -1.45 -2.31
N LEU A 110 -18.04 -0.39 -1.51
CA LEU A 110 -19.12 0.02 -0.63
C LEU A 110 -20.01 1.05 -1.32
N PRO A 111 -21.29 0.76 -1.56
CA PRO A 111 -22.11 1.64 -2.39
C PRO A 111 -22.64 2.89 -1.70
N ASN A 112 -22.33 3.10 -0.42
CA ASN A 112 -22.80 4.26 0.32
C ASN A 112 -21.66 5.14 0.79
N LEU A 113 -20.65 5.30 -0.07
CA LEU A 113 -19.53 6.20 0.18
C LEU A 113 -19.27 6.98 -1.10
N ASN A 114 -19.00 8.27 -0.98
CA ASN A 114 -18.73 9.10 -2.14
C ASN A 114 -17.26 8.91 -2.52
N GLU A 115 -16.79 9.71 -3.48
CA GLU A 115 -15.44 9.54 -4.00
C GLU A 115 -14.38 10.09 -3.06
N GLU A 116 -14.71 11.12 -2.27
CA GLU A 116 -13.78 11.60 -1.26
C GLU A 116 -13.46 10.51 -0.24
N GLN A 117 -14.52 9.88 0.30
CA GLN A 117 -14.33 8.86 1.33
C GLN A 117 -13.63 7.64 0.75
N ARG A 118 -13.93 7.31 -0.50
CA ARG A 118 -13.22 6.26 -1.23
C ARG A 118 -11.73 6.57 -1.33
N ASN A 119 -11.40 7.64 -2.05
CA ASN A 119 -9.99 7.96 -2.31
C ASN A 119 -9.20 8.19 -1.03
N ALA A 120 -9.87 8.59 0.05
CA ALA A 120 -9.11 8.90 1.27
C ALA A 120 -8.97 7.70 2.21
N PHE A 121 -10.00 6.86 2.31
CA PHE A 121 -9.83 5.57 2.97
C PHE A 121 -8.75 4.75 2.25
N ILE A 122 -8.85 4.68 0.91
CA ILE A 122 -7.89 3.92 0.12
C ILE A 122 -6.49 4.54 0.21
N GLN A 123 -6.42 5.87 0.24
CA GLN A 123 -5.13 6.53 0.38
C GLN A 123 -4.50 6.23 1.73
N SER A 124 -5.31 6.26 2.79
CA SER A 124 -4.82 5.87 4.11
C SER A 124 -4.50 4.37 4.18
N LEU A 125 -5.00 3.59 3.23
CA LEU A 125 -4.59 2.19 3.13
C LEU A 125 -3.22 2.07 2.45
N LYS A 126 -3.03 2.76 1.33
CA LYS A 126 -1.71 2.76 0.68
C LYS A 126 -0.63 3.33 1.59
N ASP A 127 -1.02 4.25 2.49
CA ASP A 127 -0.04 4.93 3.34
C ASP A 127 0.34 4.05 4.51
N ASP A 128 -0.64 3.44 5.18
CA ASP A 128 -0.37 2.58 6.34
C ASP A 128 -1.23 1.33 6.23
N PRO A 129 -0.66 0.24 5.70
CA PRO A 129 -1.46 -0.98 5.53
C PRO A 129 -1.70 -1.69 6.86
N SER A 130 -0.88 -1.45 7.88
CA SER A 130 -1.02 -2.15 9.16
C SER A 130 -2.38 -1.90 9.81
N GLN A 131 -3.04 -0.80 9.46
CA GLN A 131 -4.33 -0.46 10.02
C GLN A 131 -5.50 -0.86 9.14
N SER A 132 -5.25 -1.65 8.08
CA SER A 132 -6.32 -2.07 7.18
C SER A 132 -7.50 -2.65 7.95
N ALA A 133 -7.22 -3.58 8.86
CA ALA A 133 -8.28 -4.25 9.63
C ALA A 133 -9.22 -3.24 10.28
N ASN A 134 -8.70 -2.10 10.74
CA ASN A 134 -9.56 -1.09 11.32
C ASN A 134 -10.20 -0.22 10.25
N LEU A 135 -9.42 0.19 9.24
CA LEU A 135 -9.93 1.09 8.23
C LEU A 135 -11.09 0.45 7.47
N LEU A 136 -11.03 -0.86 7.25
CA LEU A 136 -12.19 -1.58 6.71
C LEU A 136 -13.36 -1.52 7.68
N ALA A 137 -13.11 -1.85 8.94
CA ALA A 137 -14.14 -1.90 9.98
C ALA A 137 -14.99 -0.64 9.99
N GLU A 138 -14.38 0.49 10.37
CA GLU A 138 -15.15 1.73 10.45
C GLU A 138 -15.75 2.10 9.10
N ALA A 139 -15.15 1.64 7.99
CA ALA A 139 -15.77 1.84 6.69
C ALA A 139 -17.12 1.13 6.62
N LYS A 140 -17.12 -0.16 6.93
CA LYS A 140 -18.36 -0.93 6.96
C LYS A 140 -19.38 -0.26 7.87
N LYS A 141 -18.98 0.03 9.11
CA LYS A 141 -19.80 0.83 10.02
C LYS A 141 -20.38 2.05 9.30
N LEU A 142 -19.50 2.87 8.73
CA LEU A 142 -19.95 4.06 8.02
C LEU A 142 -20.93 3.68 6.91
N ASN A 143 -20.56 2.66 6.12
CA ASN A 143 -21.43 2.25 5.01
C ASN A 143 -22.79 1.81 5.52
N GLU A 144 -22.85 1.27 6.74
CA GLU A 144 -24.14 1.02 7.36
C GLU A 144 -24.80 2.33 7.74
N GLN A 145 -24.12 3.13 8.56
CA GLN A 145 -24.70 4.36 9.11
C GLN A 145 -25.25 5.25 8.00
N GLN A 146 -24.38 5.64 7.05
CA GLN A 146 -24.83 6.48 5.95
C GLN A 146 -26.03 5.88 5.24
N ALA A 147 -26.01 4.55 5.02
CA ALA A 147 -27.13 3.90 4.37
C ALA A 147 -28.42 4.16 5.12
N ALA A 148 -28.39 3.96 6.45
CA ALA A 148 -29.57 4.25 7.26
C ALA A 148 -29.99 5.70 7.12
N PHE A 149 -29.01 6.61 7.05
CA PHE A 149 -29.33 8.03 6.85
C PHE A 149 -30.08 8.24 5.55
N TYR A 150 -29.72 7.49 4.52
CA TYR A 150 -30.42 7.60 3.24
C TYR A 150 -31.81 6.98 3.28
N GLU A 151 -32.08 6.06 4.23
CA GLU A 151 -33.40 5.45 4.27
C GLU A 151 -34.41 6.33 4.98
N ILE A 152 -34.06 6.82 6.17
CA ILE A 152 -34.98 7.70 6.90
C ILE A 152 -35.12 9.04 6.21
N LEU A 153 -34.16 9.41 5.35
CA LEU A 153 -34.27 10.64 4.59
C LEU A 153 -35.29 10.54 3.47
N HIS A 154 -35.72 9.33 3.11
CA HIS A 154 -36.68 9.13 2.03
C HIS A 154 -37.88 8.30 2.47
N LEU A 155 -38.18 8.27 3.76
CA LEU A 155 -39.43 7.69 4.22
C LEU A 155 -40.56 8.68 3.92
N PRO A 156 -41.58 8.30 3.14
CA PRO A 156 -42.52 9.30 2.62
C PRO A 156 -43.59 9.75 3.59
N ASN A 157 -43.75 9.12 4.76
CA ASN A 157 -44.83 9.53 5.66
C ASN A 157 -44.41 10.17 6.98
N LEU A 158 -43.32 10.93 6.96
CA LEU A 158 -42.87 11.65 8.14
C LEU A 158 -42.78 13.15 7.90
N ASN A 159 -43.34 13.93 8.83
CA ASN A 159 -43.08 15.36 8.81
C ASN A 159 -41.62 15.61 9.18
N GLU A 160 -41.07 16.70 8.63
CA GLU A 160 -39.64 16.93 8.70
C GLU A 160 -39.14 17.07 10.13
N GLU A 161 -40.01 17.43 11.08
CA GLU A 161 -39.62 17.39 12.49
C GLU A 161 -39.23 15.98 12.91
N GLN A 162 -40.03 14.98 12.52
CA GLN A 162 -39.70 13.60 12.84
C GLN A 162 -38.41 13.16 12.17
N ARG A 163 -38.23 13.53 10.89
CA ARG A 163 -37.01 13.15 10.19
C ARG A 163 -35.78 13.72 10.89
N ASN A 164 -35.72 15.04 11.06
CA ASN A 164 -34.53 15.64 11.66
C ASN A 164 -34.38 15.26 13.13
N ALA A 165 -35.45 14.83 13.78
CA ALA A 165 -35.34 14.27 15.12
C ALA A 165 -34.59 12.95 15.09
N PHE A 166 -35.02 12.01 14.25
CA PHE A 166 -34.32 10.74 14.12
C PHE A 166 -32.88 10.95 13.66
N ILE A 167 -32.68 11.78 12.65
CA ILE A 167 -31.34 12.07 12.14
C ILE A 167 -30.47 12.65 13.23
N GLN A 168 -31.01 13.57 14.03
CA GLN A 168 -30.28 14.10 15.17
C GLN A 168 -29.88 12.97 16.12
N SER A 169 -30.81 12.05 16.37
CA SER A 169 -30.54 10.97 17.32
C SER A 169 -29.44 10.04 16.83
N LEU A 170 -29.45 9.68 15.54
CA LEU A 170 -28.41 8.77 15.07
C LEU A 170 -27.07 9.48 14.90
N LYS A 171 -27.10 10.77 14.51
CA LYS A 171 -25.88 11.56 14.48
C LYS A 171 -25.24 11.61 15.86
N ASP A 172 -26.06 11.69 16.92
CA ASP A 172 -25.52 11.71 18.27
C ASP A 172 -24.99 10.34 18.67
N ASP A 173 -25.62 9.26 18.19
CA ASP A 173 -25.27 7.92 18.63
C ASP A 173 -25.45 7.04 17.39
N PRO A 174 -24.32 6.62 16.82
CA PRO A 174 -24.35 5.72 15.66
C PRO A 174 -24.44 4.26 16.07
N SER A 175 -24.25 3.98 17.36
CA SER A 175 -24.32 2.60 17.86
C SER A 175 -25.75 2.08 17.93
N GLN A 176 -26.76 2.96 17.84
CA GLN A 176 -28.15 2.56 17.82
C GLN A 176 -28.77 2.64 16.43
N SER A 177 -27.93 2.68 15.39
CA SER A 177 -28.41 2.90 14.03
C SER A 177 -29.54 1.93 13.66
N ALA A 178 -29.26 0.63 13.70
CA ALA A 178 -30.25 -0.37 13.30
C ALA A 178 -31.52 -0.29 14.14
N ASN A 179 -31.44 0.27 15.35
CA ASN A 179 -32.64 0.40 16.17
C ASN A 179 -33.37 1.71 15.92
N LEU A 180 -32.68 2.75 15.48
CA LEU A 180 -33.35 4.01 15.15
C LEU A 180 -34.02 3.94 13.78
N LEU A 181 -33.40 3.22 12.84
CA LEU A 181 -34.01 2.98 11.54
C LEU A 181 -35.29 2.16 11.68
N ALA A 182 -35.18 0.98 12.29
CA ALA A 182 -36.35 0.11 12.47
C ALA A 182 -37.46 0.83 13.22
N GLU A 183 -37.11 1.78 14.09
CA GLU A 183 -38.13 2.60 14.74
C GLU A 183 -38.82 3.50 13.72
N ALA A 184 -38.03 4.29 12.98
CA ALA A 184 -38.59 5.26 12.04
C ALA A 184 -39.56 4.59 11.06
N LYS A 185 -39.07 3.60 10.32
CA LYS A 185 -39.92 2.82 9.43
C LYS A 185 -41.23 2.44 10.10
N LYS A 186 -41.14 1.92 11.32
CA LYS A 186 -42.32 1.56 12.11
C LYS A 186 -43.32 2.70 12.08
N LEU A 187 -42.95 3.83 12.69
CA LEU A 187 -43.80 5.01 12.70
C LEU A 187 -44.33 5.29 11.30
N ASN A 188 -43.41 5.29 10.33
CA ASN A 188 -43.78 5.50 8.93
C ASN A 188 -44.98 4.65 8.56
N GLU A 189 -44.81 3.32 8.61
CA GLU A 189 -45.89 2.41 8.24
C GLU A 189 -47.17 2.79 8.95
N GLN A 190 -47.09 2.99 10.27
CA GLN A 190 -48.28 3.35 11.04
C GLN A 190 -48.97 4.55 10.41
N GLN A 191 -48.23 5.65 10.28
CA GLN A 191 -48.83 6.86 9.72
C GLN A 191 -49.36 6.58 8.32
N ALA A 192 -48.64 5.77 7.54
CA ALA A 192 -49.11 5.38 6.22
C ALA A 192 -50.54 4.85 6.29
N ALA A 193 -50.76 3.83 7.12
CA ALA A 193 -52.10 3.27 7.28
C ALA A 193 -53.12 4.36 7.55
N PHE A 194 -52.77 5.27 8.47
CA PHE A 194 -53.64 6.39 8.82
C PHE A 194 -54.17 7.07 7.56
N TYR A 195 -53.26 7.51 6.70
CA TYR A 195 -53.67 8.16 5.47
C TYR A 195 -54.65 7.30 4.70
N GLU A 196 -54.27 6.05 4.42
CA GLU A 196 -55.10 5.22 3.56
C GLU A 196 -56.41 4.83 4.23
N ILE A 197 -56.55 5.07 5.54
CA ILE A 197 -57.85 4.85 6.16
C ILE A 197 -58.76 6.05 5.91
N LEU A 198 -58.22 7.26 5.99
CA LEU A 198 -59.05 8.45 5.80
C LEU A 198 -59.39 8.67 4.33
N HIS A 199 -58.61 8.12 3.40
CA HIS A 199 -58.87 8.23 1.97
C HIS A 199 -59.57 6.98 1.44
N LEU A 200 -60.32 6.28 2.29
CA LEU A 200 -61.13 5.15 1.88
C LEU A 200 -62.56 5.61 1.68
N PRO A 201 -63.18 5.30 0.55
CA PRO A 201 -64.44 5.98 0.18
C PRO A 201 -65.70 5.33 0.74
N ASN A 202 -65.68 4.02 0.94
CA ASN A 202 -66.89 3.25 1.18
C ASN A 202 -67.10 2.92 2.65
N LEU A 203 -66.50 3.69 3.55
CA LEU A 203 -66.72 3.52 4.98
C LEU A 203 -67.60 4.66 5.49
N ASN A 204 -68.39 4.35 6.51
CA ASN A 204 -69.19 5.35 7.20
C ASN A 204 -68.43 5.84 8.44
N GLU A 205 -68.72 7.08 8.82
CA GLU A 205 -67.87 7.79 9.76
C GLU A 205 -67.88 7.19 11.16
N GLU A 206 -68.83 6.32 11.49
CA GLU A 206 -68.77 5.60 12.76
C GLU A 206 -67.55 4.69 12.80
N GLN A 207 -67.46 3.78 11.83
CA GLN A 207 -66.32 2.88 11.74
C GLN A 207 -65.03 3.66 11.58
N ARG A 208 -65.07 4.80 10.90
CA ARG A 208 -63.86 5.59 10.70
C ARG A 208 -63.39 6.23 12.00
N ASN A 209 -64.31 6.83 12.76
CA ASN A 209 -63.95 7.41 14.04
C ASN A 209 -63.42 6.34 14.99
N ALA A 210 -64.11 5.19 15.06
CA ALA A 210 -63.64 4.10 15.92
C ALA A 210 -62.24 3.65 15.52
N PHE A 211 -61.99 3.55 14.21
CA PHE A 211 -60.65 3.16 13.75
C PHE A 211 -59.61 4.18 14.14
N ILE A 212 -59.93 5.47 14.00
CA ILE A 212 -58.98 6.52 14.40
C ILE A 212 -58.65 6.39 15.88
N GLN A 213 -59.67 6.15 16.70
CA GLN A 213 -59.44 6.02 18.14
C GLN A 213 -58.58 4.81 18.46
N SER A 214 -59.05 3.62 18.10
CA SER A 214 -58.34 2.39 18.43
C SER A 214 -56.92 2.39 17.88
N LEU A 215 -56.73 2.98 16.69
CA LEU A 215 -55.39 3.10 16.12
C LEU A 215 -54.53 4.07 16.93
N LYS A 216 -55.10 5.20 17.35
CA LYS A 216 -54.36 6.17 18.12
C LYS A 216 -54.09 5.67 19.53
N ASP A 217 -54.64 4.51 19.87
CA ASP A 217 -54.31 3.83 21.12
C ASP A 217 -53.25 2.75 20.96
N ASP A 218 -53.48 1.77 20.07
CA ASP A 218 -52.58 0.63 19.90
C ASP A 218 -52.10 0.56 18.46
N PRO A 219 -51.01 1.26 18.12
CA PRO A 219 -50.39 1.08 16.79
C PRO A 219 -49.75 -0.29 16.60
N SER A 220 -49.68 -1.11 17.65
CA SER A 220 -48.99 -2.39 17.56
C SER A 220 -49.66 -3.33 16.57
N GLN A 221 -50.95 -3.14 16.31
CA GLN A 221 -51.70 -3.91 15.33
C GLN A 221 -52.06 -3.09 14.11
N SER A 222 -51.37 -1.95 13.89
CA SER A 222 -51.67 -1.06 12.78
C SER A 222 -51.93 -1.77 11.45
N ALA A 223 -50.98 -2.59 11.02
CA ALA A 223 -51.13 -3.35 9.78
C ALA A 223 -52.45 -4.11 9.81
N ASN A 224 -52.63 -4.95 10.83
CA ASN A 224 -53.87 -5.72 10.97
C ASN A 224 -55.09 -4.83 10.81
N LEU A 225 -55.17 -3.76 11.62
CA LEU A 225 -56.25 -2.79 11.50
C LEU A 225 -56.48 -2.40 10.04
N LEU A 226 -55.43 -1.90 9.39
CA LEU A 226 -55.54 -1.49 7.98
C LEU A 226 -56.23 -2.59 7.16
N ALA A 227 -55.71 -3.82 7.27
CA ALA A 227 -56.26 -4.93 6.50
C ALA A 227 -57.76 -5.04 6.74
N GLU A 228 -58.16 -5.09 8.02
CA GLU A 228 -59.57 -5.13 8.37
C GLU A 228 -60.34 -4.03 7.65
N ALA A 229 -59.88 -2.78 7.78
CA ALA A 229 -60.51 -1.66 7.10
C ALA A 229 -60.72 -1.96 5.62
N LYS A 230 -59.64 -2.35 4.93
CA LYS A 230 -59.74 -2.58 3.49
C LYS A 230 -60.81 -3.62 3.18
N LYS A 231 -60.85 -4.69 3.98
CA LYS A 231 -61.83 -5.74 3.73
C LYS A 231 -63.25 -5.19 3.89
N LEU A 232 -63.47 -4.42 4.95
CA LEU A 232 -64.74 -3.73 5.11
C LEU A 232 -65.01 -2.84 3.91
N ASN A 233 -63.98 -2.13 3.45
CA ASN A 233 -64.11 -1.32 2.24
C ASN A 233 -64.55 -2.16 1.05
N ASP A 234 -64.05 -3.39 0.96
CA ASP A 234 -64.50 -4.27 -0.13
C ASP A 234 -65.97 -4.64 0.04
N ALA A 235 -66.40 -4.87 1.28
CA ALA A 235 -67.76 -5.37 1.50
C ALA A 235 -68.80 -4.27 1.38
N GLN A 236 -68.43 -3.03 1.64
CA GLN A 236 -69.35 -1.90 1.61
C GLN A 236 -69.22 -1.07 0.33
N ALA A 237 -68.86 -1.70 -0.78
CA ALA A 237 -68.76 -1.00 -2.05
C ALA A 237 -70.03 -1.17 -2.86
N GLU B 9 0.42 23.58 -45.15
CA GLU B 9 0.89 23.69 -43.78
C GLU B 9 0.15 22.70 -42.89
N GLN B 10 -0.88 22.07 -43.45
CA GLN B 10 -1.63 21.07 -42.69
C GLN B 10 -0.73 19.92 -42.25
N GLN B 11 0.16 19.47 -43.14
CA GLN B 11 1.05 18.36 -42.83
C GLN B 11 2.07 18.75 -41.76
N ASN B 12 2.55 19.99 -41.79
CA ASN B 12 3.56 20.41 -40.82
C ASN B 12 3.03 20.32 -39.39
N ALA B 13 1.93 21.02 -39.10
CA ALA B 13 1.40 20.98 -37.75
C ALA B 13 0.78 19.63 -37.42
N PHE B 14 0.26 18.93 -38.43
CA PHE B 14 -0.26 17.59 -38.22
C PHE B 14 0.80 16.60 -37.77
N TYR B 15 1.86 16.46 -38.56
CA TYR B 15 3.09 15.77 -38.18
C TYR B 15 3.57 16.17 -36.80
N GLU B 16 3.57 17.48 -36.53
CA GLU B 16 4.00 17.98 -35.23
C GLU B 16 3.20 17.36 -34.10
N ILE B 17 1.86 17.37 -34.23
CA ILE B 17 1.00 16.73 -33.24
C ILE B 17 1.29 15.23 -33.18
N LEU B 18 1.66 14.64 -34.32
CA LEU B 18 1.96 13.21 -34.35
C LEU B 18 3.18 12.87 -33.52
N HIS B 19 4.13 13.80 -33.40
CA HIS B 19 5.37 13.54 -32.67
C HIS B 19 5.40 14.18 -31.29
N LEU B 20 4.26 14.17 -30.60
CA LEU B 20 4.20 14.51 -29.19
C LEU B 20 4.35 13.24 -28.38
N PRO B 21 5.43 13.07 -27.61
CA PRO B 21 5.68 11.80 -26.94
C PRO B 21 4.94 11.55 -25.64
N ASN B 22 4.12 12.48 -25.15
CA ASN B 22 3.45 12.29 -23.86
C ASN B 22 1.93 12.32 -23.96
N LEU B 23 1.37 12.70 -25.10
CA LEU B 23 -0.07 12.57 -25.34
C LEU B 23 -0.39 11.16 -25.80
N ASN B 24 -1.43 10.57 -25.21
CA ASN B 24 -1.79 9.21 -25.58
C ASN B 24 -2.56 9.24 -26.91
N GLU B 25 -3.09 8.08 -27.31
CA GLU B 25 -3.71 7.96 -28.63
C GLU B 25 -4.95 8.84 -28.75
N GLU B 26 -5.84 8.78 -27.75
CA GLU B 26 -7.13 9.44 -27.89
C GLU B 26 -6.98 10.95 -27.98
N GLN B 27 -6.00 11.52 -27.26
CA GLN B 27 -5.80 12.96 -27.25
C GLN B 27 -5.19 13.45 -28.56
N ARG B 28 -4.15 12.75 -29.03
CA ARG B 28 -3.57 13.04 -30.34
C ARG B 28 -4.64 12.97 -31.43
N ASN B 29 -5.51 11.95 -31.37
CA ASN B 29 -6.56 11.82 -32.37
C ASN B 29 -7.58 12.94 -32.26
N ALA B 30 -7.92 13.34 -31.03
CA ALA B 30 -8.85 14.45 -30.85
C ALA B 30 -8.29 15.73 -31.46
N PHE B 31 -6.99 15.99 -31.24
CA PHE B 31 -6.38 17.18 -31.84
C PHE B 31 -6.32 17.07 -33.37
N ILE B 32 -6.10 15.86 -33.89
CA ILE B 32 -6.03 15.67 -35.33
C ILE B 32 -7.38 15.94 -35.98
N GLN B 33 -8.43 15.28 -35.48
CA GLN B 33 -9.78 15.51 -35.99
C GLN B 33 -10.16 16.98 -35.86
N SER B 34 -9.88 17.58 -34.70
CA SER B 34 -10.16 19.00 -34.51
C SER B 34 -9.43 19.85 -35.53
N LEU B 35 -8.22 19.43 -35.93
CA LEU B 35 -7.50 20.14 -36.98
C LEU B 35 -8.15 19.96 -38.35
N LYS B 36 -8.80 18.81 -38.57
CA LYS B 36 -9.48 18.61 -39.84
C LYS B 36 -10.76 19.44 -39.91
N ASP B 37 -11.47 19.57 -38.78
CA ASP B 37 -12.77 20.22 -38.78
C ASP B 37 -12.68 21.74 -38.74
N ASP B 38 -11.67 22.30 -38.07
CA ASP B 38 -11.51 23.74 -37.97
C ASP B 38 -10.06 24.11 -38.26
N PRO B 39 -9.72 24.34 -39.52
CA PRO B 39 -8.32 24.67 -39.85
C PRO B 39 -7.88 26.00 -39.27
N SER B 40 -8.76 27.00 -39.22
CA SER B 40 -8.37 28.32 -38.73
C SER B 40 -7.84 28.25 -37.30
N GLN B 41 -8.42 27.40 -36.47
CA GLN B 41 -7.98 27.27 -35.09
C GLN B 41 -6.67 26.49 -34.94
N SER B 42 -5.95 26.23 -36.03
CA SER B 42 -4.68 25.51 -35.95
C SER B 42 -3.78 26.08 -34.85
N ALA B 43 -3.50 27.38 -34.93
CA ALA B 43 -2.62 28.02 -33.95
C ALA B 43 -3.08 27.80 -32.53
N ASN B 44 -4.39 27.68 -32.31
CA ASN B 44 -4.90 27.24 -31.03
C ASN B 44 -4.57 25.77 -30.81
N LEU B 45 -5.16 24.88 -31.62
CA LEU B 45 -5.08 23.44 -31.37
C LEU B 45 -3.65 22.97 -31.20
N LEU B 46 -2.75 23.47 -32.04
CA LEU B 46 -1.34 23.10 -31.90
C LEU B 46 -0.78 23.53 -30.55
N ALA B 47 -0.88 24.84 -30.25
CA ALA B 47 -0.19 25.40 -29.10
C ALA B 47 -0.65 24.73 -27.81
N GLU B 48 -1.96 24.71 -27.57
CA GLU B 48 -2.49 24.10 -26.35
C GLU B 48 -2.11 22.62 -26.28
N ALA B 49 -1.99 21.95 -27.43
CA ALA B 49 -1.56 20.56 -27.42
C ALA B 49 -0.19 20.43 -26.79
N LYS B 50 0.75 21.30 -27.18
CA LYS B 50 2.06 21.30 -26.54
C LYS B 50 1.95 21.65 -25.06
N LYS B 51 1.00 22.54 -24.72
CA LYS B 51 0.78 22.88 -23.31
C LYS B 51 0.26 21.70 -22.52
N LEU B 52 -0.31 20.70 -23.20
CA LEU B 52 -0.73 19.47 -22.52
C LEU B 52 0.42 18.48 -22.40
N ASN B 53 1.42 18.58 -23.28
CA ASN B 53 2.59 17.72 -23.17
C ASN B 53 3.42 18.14 -21.97
N GLU B 54 3.99 19.35 -22.06
CA GLU B 54 4.84 19.89 -21.01
C GLU B 54 4.19 19.77 -19.63
N GLN B 55 2.87 19.90 -19.55
CA GLN B 55 2.18 19.70 -18.29
C GLN B 55 2.23 18.23 -17.87
N GLN B 56 1.66 17.34 -18.69
CA GLN B 56 1.53 15.94 -18.30
C GLN B 56 2.90 15.29 -18.10
N ALA B 57 3.88 15.68 -18.93
CA ALA B 57 5.23 15.13 -18.76
C ALA B 57 5.72 15.34 -17.33
N ALA B 58 5.38 16.49 -16.73
CA ALA B 58 5.77 16.74 -15.35
C ALA B 58 5.23 15.66 -14.43
N PHE B 59 3.94 15.34 -14.55
CA PHE B 59 3.34 14.28 -13.74
C PHE B 59 4.12 12.99 -13.86
N TYR B 60 4.75 12.77 -15.02
CA TYR B 60 5.55 11.58 -15.24
C TYR B 60 6.83 11.63 -14.40
N GLU B 61 7.55 12.76 -14.46
CA GLU B 61 8.86 12.82 -13.82
C GLU B 61 8.76 12.58 -12.32
N ILE B 62 7.84 13.30 -11.65
CA ILE B 62 7.70 13.15 -10.20
C ILE B 62 7.26 11.75 -9.81
N LEU B 63 6.74 10.97 -10.76
CA LEU B 63 6.34 9.61 -10.44
C LEU B 63 7.47 8.60 -10.62
N SER B 64 8.56 9.01 -11.26
CA SER B 64 9.72 8.14 -11.41
C SER B 64 10.78 8.35 -10.34
N LEU B 65 10.60 9.35 -9.48
CA LEU B 65 11.53 9.58 -8.37
C LEU B 65 11.40 8.46 -7.35
N PRO B 66 12.46 7.70 -7.07
CA PRO B 66 12.30 6.50 -6.24
C PRO B 66 12.69 6.70 -4.79
N ASN B 67 12.85 7.95 -4.34
CA ASN B 67 13.21 8.22 -2.95
C ASN B 67 12.08 8.79 -2.12
N LEU B 68 11.16 9.53 -2.74
CA LEU B 68 10.04 10.10 -2.01
C LEU B 68 9.14 9.00 -1.46
N ASN B 69 8.67 9.18 -0.22
CA ASN B 69 7.67 8.28 0.30
C ASN B 69 6.33 8.53 -0.40
N GLU B 70 5.40 7.59 -0.22
CA GLU B 70 4.11 7.67 -0.90
C GLU B 70 3.37 8.96 -0.55
N GLU B 71 3.51 9.43 0.70
CA GLU B 71 2.86 10.67 1.10
C GLU B 71 3.38 11.86 0.30
N GLN B 72 4.69 11.92 0.09
CA GLN B 72 5.26 13.03 -0.67
C GLN B 72 4.86 12.95 -2.13
N ARG B 73 4.89 11.74 -2.72
CA ARG B 73 4.55 11.59 -4.13
C ARG B 73 3.08 11.94 -4.39
N ASN B 74 2.17 11.34 -3.62
CA ASN B 74 0.76 11.69 -3.81
C ASN B 74 0.50 13.15 -3.46
N ALA B 75 1.31 13.71 -2.55
CA ALA B 75 1.18 15.13 -2.24
C ALA B 75 1.48 15.99 -3.46
N PHE B 76 2.65 15.80 -4.08
CA PHE B 76 3.01 16.61 -5.24
C PHE B 76 2.11 16.33 -6.43
N ILE B 77 1.71 15.06 -6.62
CA ILE B 77 0.84 14.71 -7.73
C ILE B 77 -0.52 15.38 -7.57
N GLN B 78 -1.12 15.26 -6.39
CA GLN B 78 -2.45 15.85 -6.19
C GLN B 78 -2.39 17.38 -6.22
N SER B 79 -1.41 17.97 -5.54
CA SER B 79 -1.22 19.42 -5.60
C SER B 79 -0.87 19.90 -6.99
N LEU B 80 -0.46 19.00 -7.89
CA LEU B 80 -0.28 19.35 -9.29
C LEU B 80 -1.58 19.25 -10.07
N LYS B 81 -2.40 18.23 -9.80
CA LYS B 81 -3.70 18.14 -10.42
C LYS B 81 -4.63 19.25 -9.97
N ASP B 82 -4.34 19.89 -8.83
CA ASP B 82 -5.12 21.03 -8.36
C ASP B 82 -4.51 22.37 -8.75
N ASP B 83 -3.19 22.46 -8.87
CA ASP B 83 -2.49 23.67 -9.30
C ASP B 83 -1.64 23.30 -10.51
N PRO B 84 -2.20 23.33 -11.72
CA PRO B 84 -1.47 22.83 -12.89
C PRO B 84 -0.34 23.74 -13.33
N SER B 85 -0.62 25.02 -13.47
CA SER B 85 0.34 25.98 -14.01
C SER B 85 1.59 26.11 -13.13
N GLN B 86 1.58 25.47 -11.96
CA GLN B 86 2.76 25.39 -11.08
C GLN B 86 3.54 24.11 -11.30
N SER B 87 3.49 23.55 -12.51
CA SER B 87 4.18 22.29 -12.77
C SER B 87 5.70 22.42 -12.63
N ALA B 88 6.25 23.60 -12.91
CA ALA B 88 7.69 23.79 -12.84
C ALA B 88 8.28 23.72 -11.44
N ASN B 89 7.89 24.67 -10.58
CA ASN B 89 8.50 24.79 -9.26
C ASN B 89 8.07 23.60 -8.39
N LEU B 90 6.89 23.05 -8.62
CA LEU B 90 6.53 21.80 -7.95
C LEU B 90 7.52 20.69 -8.32
N LEU B 91 7.62 20.39 -9.62
CA LEU B 91 8.60 19.42 -10.10
C LEU B 91 9.97 19.68 -9.50
N ALA B 92 10.50 20.89 -9.70
CA ALA B 92 11.79 21.25 -9.11
C ALA B 92 11.84 20.89 -7.63
N GLU B 93 10.83 21.31 -6.86
CA GLU B 93 10.80 21.04 -5.43
C GLU B 93 10.96 19.53 -5.17
N ALA B 94 10.17 18.71 -5.87
CA ALA B 94 10.32 17.26 -5.75
C ALA B 94 11.76 16.85 -6.02
N LYS B 95 12.31 17.29 -7.16
CA LYS B 95 13.68 16.94 -7.53
C LYS B 95 14.70 17.38 -6.48
N LYS B 96 14.35 18.33 -5.62
CA LYS B 96 15.20 18.58 -4.46
C LYS B 96 14.89 17.58 -3.34
N LEU B 97 13.64 17.54 -2.90
CA LEU B 97 13.28 16.67 -1.78
C LEU B 97 13.77 15.25 -2.01
N ASN B 98 13.56 14.72 -3.22
CA ASN B 98 14.03 13.38 -3.58
C ASN B 98 15.49 13.21 -3.19
N GLU B 99 16.38 14.04 -3.74
CA GLU B 99 17.80 13.88 -3.42
C GLU B 99 18.03 14.06 -1.93
N GLN B 100 17.32 15.01 -1.30
CA GLN B 100 17.39 15.17 0.15
C GLN B 100 17.12 13.84 0.85
N GLN B 101 16.09 13.13 0.39
CA GLN B 101 15.80 11.83 1.01
C GLN B 101 16.85 10.79 0.64
N ALA B 102 17.37 10.82 -0.59
CA ALA B 102 18.38 9.85 -1.01
C ALA B 102 19.58 9.89 -0.07
N ALA B 103 20.29 11.02 -0.05
CA ALA B 103 21.35 11.28 0.91
C ALA B 103 20.92 10.91 2.32
N PHE B 104 19.64 11.16 2.65
CA PHE B 104 19.07 10.73 3.92
C PHE B 104 19.27 9.23 4.09
N TYR B 105 18.55 8.43 3.27
CA TYR B 105 18.57 6.98 3.44
C TYR B 105 19.99 6.42 3.38
N GLU B 106 20.76 6.84 2.37
CA GLU B 106 22.12 6.32 2.22
C GLU B 106 23.01 6.70 3.39
N ILE B 107 22.74 7.82 4.07
CA ILE B 107 23.54 8.13 5.26
C ILE B 107 23.07 7.30 6.45
N LEU B 108 21.78 6.94 6.47
CA LEU B 108 21.23 6.20 7.61
C LEU B 108 21.91 4.85 7.80
N HIS B 109 22.33 4.20 6.72
CA HIS B 109 22.89 2.86 6.79
C HIS B 109 24.36 2.81 6.36
N LEU B 110 25.14 3.81 6.74
CA LEU B 110 26.59 3.76 6.57
C LEU B 110 27.18 3.00 7.75
N PRO B 111 27.64 1.77 7.55
CA PRO B 111 27.98 0.89 8.68
C PRO B 111 29.32 1.17 9.34
N ASN B 112 29.98 2.29 9.05
CA ASN B 112 31.25 2.62 9.67
C ASN B 112 31.28 4.01 10.30
N LEU B 113 30.11 4.49 10.74
CA LEU B 113 30.01 5.74 11.49
C LEU B 113 29.24 5.54 12.79
N ASN B 114 29.64 6.27 13.82
CA ASN B 114 28.95 6.21 15.10
C ASN B 114 27.70 7.09 15.05
N GLU B 115 27.00 7.18 16.19
CA GLU B 115 25.76 7.94 16.24
C GLU B 115 26.01 9.45 16.20
N GLU B 116 27.09 9.91 16.83
CA GLU B 116 27.39 11.33 16.83
C GLU B 116 27.73 11.82 15.44
N GLN B 117 28.47 11.03 14.67
CA GLN B 117 28.73 11.39 13.28
C GLN B 117 27.47 11.35 12.43
N ARG B 118 26.56 10.40 12.73
CA ARG B 118 25.30 10.33 12.02
C ARG B 118 24.47 11.59 12.24
N ASN B 119 24.20 11.92 13.51
CA ASN B 119 23.40 13.11 13.80
C ASN B 119 24.15 14.40 13.45
N ALA B 120 25.48 14.33 13.28
CA ALA B 120 26.23 15.50 12.85
C ALA B 120 26.04 15.76 11.36
N PHE B 121 26.30 14.75 10.52
CA PHE B 121 26.10 14.89 9.08
C PHE B 121 24.63 15.14 8.76
N ILE B 122 23.73 14.41 9.42
CA ILE B 122 22.30 14.57 9.16
C ILE B 122 21.79 15.90 9.70
N GLN B 123 22.31 16.33 10.86
CA GLN B 123 21.93 17.62 11.40
C GLN B 123 22.35 18.75 10.47
N SER B 124 23.61 18.73 10.02
CA SER B 124 24.06 19.68 9.02
C SER B 124 23.30 19.52 7.71
N LEU B 125 22.70 18.35 7.47
CA LEU B 125 21.90 18.14 6.27
C LEU B 125 20.55 18.85 6.38
N LYS B 126 19.90 18.76 7.54
CA LYS B 126 18.65 19.48 7.74
C LYS B 126 18.87 20.98 7.83
N ASP B 127 20.03 21.40 8.34
CA ASP B 127 20.29 22.83 8.49
C ASP B 127 20.54 23.50 7.15
N ASP B 128 21.47 22.98 6.35
CA ASP B 128 21.89 23.59 5.10
C ASP B 128 21.82 22.55 3.99
N PRO B 129 20.70 22.47 3.26
CA PRO B 129 20.61 21.49 2.17
C PRO B 129 21.54 21.77 1.00
N SER B 130 22.05 23.00 0.86
CA SER B 130 22.93 23.32 -0.25
C SER B 130 24.17 22.44 -0.24
N GLN B 131 24.73 22.19 0.94
CA GLN B 131 25.88 21.30 1.10
C GLN B 131 25.47 19.86 1.38
N SER B 132 24.16 19.55 1.33
CA SER B 132 23.71 18.20 1.62
C SER B 132 24.31 17.20 0.65
N ALA B 133 24.26 17.50 -0.65
CA ALA B 133 24.88 16.63 -1.64
C ALA B 133 26.37 16.41 -1.37
N ASN B 134 27.00 17.34 -0.64
CA ASN B 134 28.38 17.18 -0.23
C ASN B 134 28.49 16.43 1.11
N LEU B 135 27.54 16.66 2.01
CA LEU B 135 27.61 16.05 3.34
C LEU B 135 27.56 14.53 3.27
N LEU B 136 26.83 13.98 2.31
CA LEU B 136 26.91 12.54 2.06
C LEU B 136 28.31 12.15 1.60
N ALA B 137 28.85 12.88 0.63
CA ALA B 137 30.16 12.56 0.06
C ALA B 137 31.21 12.42 1.16
N GLU B 138 31.47 13.52 1.89
CA GLU B 138 32.44 13.47 2.97
C GLU B 138 32.08 12.40 4.00
N ALA B 139 30.78 12.15 4.21
CA ALA B 139 30.38 11.07 5.09
C ALA B 139 30.98 9.75 4.64
N LYS B 140 30.80 9.42 3.36
CA LYS B 140 31.43 8.22 2.81
C LYS B 140 32.95 8.29 2.96
N LYS B 141 33.52 9.49 2.82
CA LYS B 141 34.97 9.64 3.02
C LYS B 141 35.36 9.29 4.44
N LEU B 142 34.52 9.63 5.41
CA LEU B 142 34.76 9.22 6.78
C LEU B 142 34.38 7.76 7.03
N ASN B 143 33.53 7.20 6.16
CA ASN B 143 33.18 5.79 6.27
C ASN B 143 34.32 4.91 5.77
N GLU B 144 34.78 5.17 4.55
CA GLU B 144 35.84 4.37 3.95
C GLU B 144 37.14 4.50 4.73
N GLN B 145 37.35 5.64 5.40
CA GLN B 145 38.54 5.87 6.19
C GLN B 145 38.51 5.03 7.47
N GLN B 146 37.55 5.34 8.36
CA GLN B 146 37.49 4.67 9.66
C GLN B 146 37.42 3.16 9.51
N ALA B 147 36.72 2.68 8.48
CA ALA B 147 36.67 1.24 8.23
C ALA B 147 38.08 0.65 8.16
N ALA B 148 38.94 1.23 7.32
CA ALA B 148 40.33 0.78 7.26
C ALA B 148 41.00 0.91 8.62
N PHE B 149 40.69 1.99 9.35
CA PHE B 149 41.25 2.17 10.69
C PHE B 149 41.01 0.97 11.58
N TYR B 150 39.93 0.22 11.34
CA TYR B 150 39.70 -1.00 12.11
C TYR B 150 40.51 -2.16 11.55
N GLU B 151 40.49 -2.34 10.22
CA GLU B 151 41.10 -3.52 9.62
C GLU B 151 42.59 -3.58 9.93
N ILE B 152 43.33 -2.51 9.63
CA ILE B 152 44.75 -2.47 9.95
C ILE B 152 44.98 -2.51 11.45
N LEU B 153 43.97 -2.15 12.26
CA LEU B 153 44.10 -2.28 13.70
C LEU B 153 44.02 -3.74 14.15
N HIS B 154 43.42 -4.60 13.32
CA HIS B 154 43.27 -6.02 13.66
C HIS B 154 44.25 -6.91 12.91
N LEU B 155 44.88 -6.42 11.85
CA LEU B 155 45.87 -7.20 11.10
C LEU B 155 46.97 -7.67 12.04
N PRO B 156 47.10 -8.98 12.30
CA PRO B 156 48.02 -9.43 13.34
C PRO B 156 49.46 -9.56 12.88
N ASN B 157 49.73 -9.73 11.58
CA ASN B 157 51.08 -9.96 11.09
C ASN B 157 51.88 -8.68 10.89
N LEU B 158 51.46 -7.58 11.48
CA LEU B 158 52.16 -6.31 11.38
C LEU B 158 52.52 -5.81 12.76
N ASN B 159 53.64 -5.10 12.86
CA ASN B 159 54.05 -4.48 14.11
C ASN B 159 53.36 -3.12 14.25
N GLU B 160 53.61 -2.45 15.37
CA GLU B 160 52.95 -1.17 15.64
C GLU B 160 53.36 -0.11 14.63
N GLU B 161 54.64 -0.04 14.29
CA GLU B 161 55.15 1.04 13.43
C GLU B 161 54.52 0.96 12.04
N GLN B 162 54.37 -0.25 11.49
CA GLN B 162 53.71 -0.38 10.20
C GLN B 162 52.23 -0.05 10.30
N ARG B 163 51.57 -0.52 11.35
CA ARG B 163 50.14 -0.25 11.52
C ARG B 163 49.87 1.25 11.57
N ASN B 164 50.40 1.93 12.59
CA ASN B 164 50.18 3.37 12.69
C ASN B 164 50.82 4.15 11.55
N ALA B 165 51.78 3.55 10.85
CA ALA B 165 52.27 4.16 9.62
C ALA B 165 51.15 4.23 8.58
N PHE B 166 50.49 3.09 8.32
CA PHE B 166 49.35 3.11 7.42
C PHE B 166 48.23 4.00 7.96
N ILE B 167 48.09 4.08 9.28
CA ILE B 167 47.06 4.93 9.87
C ILE B 167 47.34 6.39 9.56
N GLN B 168 48.60 6.81 9.66
CA GLN B 168 48.93 8.20 9.36
C GLN B 168 48.85 8.47 7.86
N SER B 169 49.20 7.48 7.03
CA SER B 169 49.01 7.64 5.60
C SER B 169 47.53 7.77 5.26
N LEU B 170 46.64 7.18 6.08
CA LEU B 170 45.21 7.35 5.89
C LEU B 170 44.74 8.70 6.38
N LYS B 171 45.31 9.19 7.48
CA LYS B 171 44.92 10.51 8.00
C LYS B 171 45.39 11.63 7.09
N ASP B 172 46.47 11.40 6.33
CA ASP B 172 46.98 12.44 5.45
C ASP B 172 46.29 12.42 4.09
N ASP B 173 45.82 11.26 3.63
CA ASP B 173 45.16 11.12 2.34
C ASP B 173 43.98 10.16 2.47
N PRO B 174 42.77 10.68 2.71
CA PRO B 174 41.60 9.80 2.81
C PRO B 174 41.07 9.31 1.47
N SER B 175 41.41 9.98 0.37
CA SER B 175 40.85 9.58 -0.92
C SER B 175 41.45 8.26 -1.42
N GLN B 176 42.66 7.93 -0.98
CA GLN B 176 43.33 6.69 -1.35
C GLN B 176 43.03 5.55 -0.38
N SER B 177 41.89 5.59 0.30
CA SER B 177 41.62 4.65 1.39
C SER B 177 41.53 3.21 0.88
N ALA B 178 40.79 2.98 -0.20
CA ALA B 178 40.66 1.63 -0.73
C ALA B 178 42.00 1.10 -1.21
N ASN B 179 42.79 1.93 -1.87
CA ASN B 179 44.10 1.51 -2.35
C ASN B 179 45.05 1.22 -1.18
N LEU B 180 45.05 2.09 -0.16
CA LEU B 180 45.92 1.87 0.98
C LEU B 180 45.52 0.60 1.74
N LEU B 181 44.23 0.33 1.86
CA LEU B 181 43.78 -0.88 2.54
C LEU B 181 44.13 -2.13 1.74
N ALA B 182 43.88 -2.10 0.43
CA ALA B 182 44.22 -3.24 -0.42
C ALA B 182 45.71 -3.54 -0.38
N GLU B 183 46.53 -2.49 -0.48
CA GLU B 183 47.98 -2.69 -0.43
C GLU B 183 48.42 -3.21 0.93
N ALA B 184 47.86 -2.65 2.02
CA ALA B 184 48.22 -3.11 3.36
C ALA B 184 47.88 -4.59 3.55
N LYS B 185 46.71 -5.01 3.07
CA LYS B 185 46.36 -6.42 3.14
C LYS B 185 47.29 -7.27 2.28
N LYS B 186 47.72 -6.72 1.13
CA LYS B 186 48.69 -7.44 0.31
C LYS B 186 50.04 -7.57 0.99
N LEU B 187 50.38 -6.67 1.92
CA LEU B 187 51.60 -6.82 2.70
C LEU B 187 51.40 -7.85 3.82
N ASN B 188 50.26 -7.76 4.52
CA ASN B 188 49.95 -8.72 5.57
C ASN B 188 49.99 -10.15 5.05
N GLU B 189 49.35 -10.38 3.89
CA GLU B 189 49.33 -11.72 3.31
C GLU B 189 50.74 -12.19 2.95
N GLN B 190 51.62 -11.25 2.58
CA GLN B 190 52.99 -11.61 2.25
C GLN B 190 53.78 -12.01 3.49
N GLN B 191 53.61 -11.27 4.59
CA GLN B 191 54.35 -11.57 5.80
C GLN B 191 53.75 -12.72 6.61
N ALA B 192 52.54 -13.17 6.26
CA ALA B 192 51.90 -14.25 7.00
C ALA B 192 52.77 -15.51 7.04
N ALA B 193 53.43 -15.84 5.92
CA ALA B 193 54.26 -17.04 5.87
C ALA B 193 55.44 -16.92 6.83
N PHE B 194 56.14 -15.79 6.78
CA PHE B 194 57.23 -15.53 7.73
C PHE B 194 56.73 -15.71 9.17
N TYR B 195 55.57 -15.14 9.48
CA TYR B 195 55.01 -15.28 10.82
C TYR B 195 54.79 -16.74 11.19
N GLU B 196 54.19 -17.51 10.27
CA GLU B 196 53.81 -18.88 10.61
C GLU B 196 55.02 -19.78 10.78
N ILE B 197 55.99 -19.71 9.85
CA ILE B 197 57.19 -20.52 10.01
C ILE B 197 58.05 -20.03 11.16
N LEU B 198 57.87 -18.77 11.58
CA LEU B 198 58.65 -18.26 12.72
C LEU B 198 58.17 -18.85 14.04
N HIS B 199 56.90 -19.23 14.13
CA HIS B 199 56.36 -19.79 15.36
C HIS B 199 55.95 -21.25 15.17
#